data_5IGJ
#
_entry.id   5IGJ
#
_cell.length_a   45.200
_cell.length_b   45.200
_cell.length_c   247.100
_cell.angle_alpha   90.000
_cell.angle_beta   90.000
_cell.angle_gamma   120.000
#
_symmetry.space_group_name_H-M   'P 32 2 1'
#
loop_
_entity.id
_entity.type
_entity.pdbx_description
1 polymer "Macrolide 2'-phosphotransferase"
2 non-polymer GUANOSINE
3 non-polymer CLARITHROMYCIN
4 non-polymer 'ISOPROPYL ALCOHOL'
5 water water
#
_entity_poly.entity_id   1
_entity_poly.type   'polypeptide(L)'
_entity_poly.pdbx_seq_one_letter_code
;MTVVTTADTSQLYALAARHGLKLHGPLTVNELGLDYRIVIATVDDGRRWVLRIPRRAEVSAKVEPEARVLAMLKNRLPFA
VPDWRVANAELVAYPMLEDSTAMVIQPGSSTPDWVVPQDSEVFAESFATALAALHAVPISAAVDAGMLIRTPTQARQKVA
DDVDRVRREFVVNDKRLHRWQRWLDDDSSWPDFSVVVHGDLYVGHVLIDNTERVSGMIDWSEARVDDPAIDMAAHLMVFG
EEGLAKLLLTYEAAGGRVWPRLAHHIAERLAFGAVTYALFALDSGNEEYLAAAKAQLAAAE
;
_entity_poly.pdbx_strand_id   A
#
# COMPACT_ATOMS: atom_id res chain seq x y z
N THR A 2 -6.15 -35.11 -18.81
CA THR A 2 -5.47 -33.90 -18.35
C THR A 2 -5.58 -33.77 -16.83
N VAL A 3 -5.04 -32.67 -16.30
CA VAL A 3 -5.17 -32.32 -14.89
C VAL A 3 -5.82 -30.95 -14.81
N VAL A 4 -6.90 -30.85 -14.04
CA VAL A 4 -7.53 -29.56 -13.78
C VAL A 4 -6.58 -28.65 -13.02
N THR A 5 -6.42 -27.43 -13.51
CA THR A 5 -5.56 -26.47 -12.85
C THR A 5 -6.33 -25.18 -12.67
N THR A 6 -5.97 -24.42 -11.66
CA THR A 6 -6.69 -23.19 -11.37
C THR A 6 -6.50 -22.12 -12.45
N ALA A 7 -5.30 -21.99 -12.99
CA ALA A 7 -5.04 -20.98 -14.02
C ALA A 7 -5.60 -21.43 -15.37
N ASP A 8 -6.22 -20.49 -16.09
CA ASP A 8 -6.69 -20.73 -17.45
C ASP A 8 -5.57 -20.34 -18.41
N THR A 9 -4.69 -21.29 -18.70
CA THR A 9 -3.45 -21.00 -19.39
C THR A 9 -3.70 -20.45 -20.80
N SER A 10 -4.73 -20.94 -21.46
CA SER A 10 -5.00 -20.52 -22.82
C SER A 10 -5.44 -19.06 -22.86
N GLN A 11 -6.34 -18.68 -21.96
CA GLN A 11 -6.78 -17.30 -21.89
C GLN A 11 -5.65 -16.37 -21.46
N LEU A 12 -4.82 -16.81 -20.51
CA LEU A 12 -3.72 -15.99 -20.03
C LEU A 12 -2.70 -15.77 -21.16
N TYR A 13 -2.40 -16.83 -21.92
CA TYR A 13 -1.46 -16.70 -23.02
C TYR A 13 -1.97 -15.69 -24.04
N ALA A 14 -3.24 -15.80 -24.40
CA ALA A 14 -3.82 -14.92 -25.41
C ALA A 14 -3.82 -13.47 -24.95
N LEU A 15 -4.17 -13.27 -23.68
CA LEU A 15 -4.19 -11.93 -23.10
C LEU A 15 -2.79 -11.32 -23.15
N ALA A 16 -1.79 -12.05 -22.66
CA ALA A 16 -0.43 -11.54 -22.65
C ALA A 16 0.06 -11.27 -24.08
N ALA A 17 -0.23 -12.18 -25.01
CA ALA A 17 0.27 -12.06 -26.36
C ALA A 17 -0.28 -10.81 -27.07
N ARG A 18 -1.52 -10.44 -26.76
CA ARG A 18 -2.09 -9.20 -27.27
C ARG A 18 -1.28 -7.97 -26.89
N HIS A 19 -0.46 -8.10 -25.86
CA HIS A 19 0.31 -6.98 -25.34
C HIS A 19 1.80 -7.20 -25.44
N GLY A 20 2.19 -8.11 -26.33
CA GLY A 20 3.59 -8.27 -26.67
C GLY A 20 4.39 -9.17 -25.76
N LEU A 21 3.73 -9.93 -24.87
CA LEU A 21 4.39 -10.86 -23.97
C LEU A 21 4.04 -12.30 -24.33
N LYS A 22 5.07 -13.13 -24.50
CA LYS A 22 4.88 -14.53 -24.84
C LYS A 22 5.11 -15.40 -23.59
N LEU A 23 4.02 -15.92 -23.02
CA LEU A 23 4.15 -16.75 -21.83
C LEU A 23 4.68 -18.11 -22.19
N HIS A 24 5.58 -18.60 -21.36
CA HIS A 24 6.15 -19.92 -21.59
C HIS A 24 6.78 -20.38 -20.30
N GLY A 25 6.28 -21.48 -19.74
CA GLY A 25 6.82 -21.99 -18.50
C GLY A 25 5.90 -21.77 -17.31
N PRO A 26 6.43 -21.97 -16.10
CA PRO A 26 5.63 -22.00 -14.89
C PRO A 26 4.86 -20.73 -14.62
N LEU A 27 3.64 -20.86 -14.11
CA LEU A 27 2.97 -19.72 -13.57
C LEU A 27 2.21 -20.07 -12.31
N THR A 28 1.89 -19.04 -11.53
N THR A 28 1.88 -19.01 -11.57
CA THR A 28 1.04 -19.21 -10.37
CA THR A 28 1.19 -19.09 -10.29
C THR A 28 0.06 -18.07 -10.35
C THR A 28 0.08 -18.02 -10.29
N VAL A 29 -1.09 -18.32 -9.73
CA VAL A 29 -2.20 -17.40 -9.79
C VAL A 29 -2.79 -17.14 -8.42
N ASN A 30 -3.08 -15.86 -8.17
CA ASN A 30 -3.79 -15.46 -6.96
C ASN A 30 -5.09 -14.79 -7.36
N GLU A 31 -6.20 -15.46 -7.04
CA GLU A 31 -7.51 -14.95 -7.41
C GLU A 31 -8.26 -14.41 -6.21
N LEU A 32 -7.54 -14.15 -5.12
CA LEU A 32 -8.16 -13.74 -3.88
C LEU A 32 -8.44 -12.24 -3.83
N GLY A 33 -7.73 -11.48 -4.64
CA GLY A 33 -7.95 -10.05 -4.71
C GLY A 33 -9.33 -9.77 -5.28
N LEU A 34 -9.99 -8.75 -4.76
CA LEU A 34 -11.34 -8.48 -5.20
C LEU A 34 -11.39 -7.62 -6.46
N ASP A 35 -10.28 -6.98 -6.79
CA ASP A 35 -10.26 -6.05 -7.92
C ASP A 35 -9.38 -6.55 -9.06
N TYR A 36 -8.35 -7.34 -8.74
CA TYR A 36 -7.39 -7.84 -9.73
C TYR A 36 -7.14 -9.31 -9.52
N ARG A 37 -6.90 -10.02 -10.63
N ARG A 37 -6.89 -10.02 -10.62
CA ARG A 37 -6.25 -11.32 -10.57
CA ARG A 37 -6.26 -11.33 -10.57
C ARG A 37 -4.77 -11.04 -10.70
C ARG A 37 -4.77 -11.09 -10.75
N ILE A 38 -3.94 -11.76 -9.96
CA ILE A 38 -2.48 -11.54 -10.00
C ILE A 38 -1.85 -12.84 -10.38
N VAL A 39 -1.09 -12.81 -11.46
CA VAL A 39 -0.41 -13.98 -11.93
C VAL A 39 1.07 -13.68 -11.99
N ILE A 40 1.89 -14.58 -11.48
CA ILE A 40 3.32 -14.51 -11.74
C ILE A 40 3.62 -15.58 -12.78
N ALA A 41 4.09 -15.14 -13.94
CA ALA A 41 4.26 -15.99 -15.11
C ALA A 41 5.66 -15.90 -15.64
N THR A 42 6.11 -16.99 -16.26
CA THR A 42 7.39 -17.00 -16.93
C THR A 42 7.16 -16.64 -18.39
N VAL A 43 8.03 -15.79 -18.91
CA VAL A 43 7.93 -15.30 -20.28
C VAL A 43 9.13 -15.83 -21.09
N ASP A 44 9.04 -15.77 -22.41
CA ASP A 44 10.10 -16.30 -23.27
C ASP A 44 11.43 -15.53 -23.14
N ASP A 45 11.49 -14.46 -22.35
CA ASP A 45 12.77 -13.83 -22.03
C ASP A 45 13.46 -14.55 -20.85
N GLY A 46 12.89 -15.69 -20.42
CA GLY A 46 13.40 -16.47 -19.30
C GLY A 46 13.08 -15.84 -17.94
N ARG A 47 12.45 -14.68 -18.00
N ARG A 47 12.49 -14.64 -17.99
CA ARG A 47 12.16 -13.86 -16.82
CA ARG A 47 12.19 -13.89 -16.78
C ARG A 47 10.75 -14.13 -16.30
C ARG A 47 10.77 -14.13 -16.30
N ARG A 48 10.57 -13.95 -15.01
CA ARG A 48 9.21 -13.90 -14.47
C ARG A 48 8.65 -12.49 -14.57
N TRP A 49 7.37 -12.42 -14.88
CA TRP A 49 6.63 -11.18 -14.99
C TRP A 49 5.37 -11.29 -14.13
N VAL A 50 4.97 -10.18 -13.55
CA VAL A 50 3.72 -10.07 -12.83
C VAL A 50 2.67 -9.56 -13.79
N LEU A 51 1.57 -10.30 -13.90
CA LEU A 51 0.38 -9.87 -14.64
C LEU A 51 -0.65 -9.46 -13.63
N ARG A 52 -1.04 -8.19 -13.71
CA ARG A 52 -2.00 -7.60 -12.82
C ARG A 52 -3.23 -7.33 -13.69
N ILE A 53 -4.26 -8.16 -13.54
CA ILE A 53 -5.36 -8.23 -14.47
C ILE A 53 -6.59 -7.60 -13.82
N PRO A 54 -6.95 -6.37 -14.24
CA PRO A 54 -8.17 -5.75 -13.70
C PRO A 54 -9.39 -6.62 -13.97
N ARG A 55 -10.27 -6.76 -12.98
CA ARG A 55 -11.44 -7.61 -13.13
C ARG A 55 -12.65 -6.93 -13.78
N ARG A 56 -12.73 -5.60 -13.64
CA ARG A 56 -13.95 -4.88 -14.03
C ARG A 56 -13.62 -3.48 -14.48
N ALA A 57 -14.55 -2.87 -15.21
CA ALA A 57 -14.34 -1.57 -15.81
C ALA A 57 -13.91 -0.50 -14.80
N GLU A 58 -14.51 -0.54 -13.61
CA GLU A 58 -14.19 0.45 -12.59
C GLU A 58 -12.75 0.30 -12.08
N VAL A 59 -12.20 -0.89 -12.13
CA VAL A 59 -10.80 -1.10 -11.74
C VAL A 59 -9.88 -0.67 -12.89
N SER A 60 -10.24 -1.06 -14.12
CA SER A 60 -9.48 -0.67 -15.30
C SER A 60 -9.26 0.84 -15.35
N ALA A 61 -10.25 1.62 -14.92
CA ALA A 61 -10.16 3.07 -14.93
C ALA A 61 -8.99 3.64 -14.12
N LYS A 62 -8.49 2.86 -13.18
CA LYS A 62 -7.42 3.32 -12.31
C LYS A 62 -6.02 3.06 -12.86
N VAL A 63 -5.94 2.31 -13.96
CA VAL A 63 -4.62 1.93 -14.48
C VAL A 63 -3.82 3.13 -14.99
N GLU A 64 -4.43 3.95 -15.83
CA GLU A 64 -3.72 5.04 -16.47
C GLU A 64 -3.14 6.03 -15.45
N PRO A 65 -3.94 6.45 -14.45
CA PRO A 65 -3.33 7.36 -13.46
C PRO A 65 -2.20 6.71 -12.64
N GLU A 66 -2.32 5.43 -12.27
CA GLU A 66 -1.26 4.79 -11.51
C GLU A 66 0.00 4.65 -12.36
N ALA A 67 -0.18 4.44 -13.67
CA ALA A 67 0.97 4.34 -14.56
C ALA A 67 1.77 5.66 -14.56
N ARG A 68 1.06 6.79 -14.55
CA ARG A 68 1.74 8.09 -14.47
C ARG A 68 2.49 8.26 -13.17
N VAL A 69 1.92 7.82 -12.05
CA VAL A 69 2.62 7.82 -10.77
C VAL A 69 3.94 7.06 -10.83
N LEU A 70 3.89 5.80 -11.29
CA LEU A 70 5.11 4.99 -11.34
C LEU A 70 6.11 5.53 -12.30
N ALA A 71 5.66 6.12 -13.40
CA ALA A 71 6.61 6.70 -14.36
C ALA A 71 7.38 7.85 -13.73
N MET A 72 6.69 8.64 -12.90
CA MET A 72 7.32 9.76 -12.25
C MET A 72 8.27 9.30 -11.14
N LEU A 73 7.86 8.27 -10.41
CA LEU A 73 8.64 7.85 -9.26
C LEU A 73 9.95 7.14 -9.62
N LYS A 74 10.02 6.53 -10.82
CA LYS A 74 11.10 5.59 -11.13
C LYS A 74 12.49 6.18 -10.84
N ASN A 75 12.81 7.32 -11.44
CA ASN A 75 14.13 7.93 -11.22
C ASN A 75 14.30 8.65 -9.90
N ARG A 76 13.20 8.88 -9.20
CA ARG A 76 13.20 9.68 -8.00
C ARG A 76 13.23 8.90 -6.70
N LEU A 77 13.44 7.58 -6.78
CA LEU A 77 13.52 6.76 -5.57
C LEU A 77 14.79 5.89 -5.66
N PRO A 78 15.52 5.75 -4.53
CA PRO A 78 16.73 4.93 -4.46
C PRO A 78 16.39 3.48 -4.17
N PHE A 79 15.26 3.02 -4.72
CA PHE A 79 14.87 1.64 -4.61
C PHE A 79 13.93 1.41 -5.77
N ALA A 80 13.67 0.14 -6.05
CA ALA A 80 12.90 -0.24 -7.23
C ALA A 80 11.39 -0.12 -7.03
N VAL A 81 10.68 0.18 -8.13
CA VAL A 81 9.23 0.07 -8.16
C VAL A 81 8.86 -0.66 -9.44
N PRO A 82 7.65 -1.19 -9.51
CA PRO A 82 7.25 -1.92 -10.72
C PRO A 82 7.41 -1.05 -11.98
N ASP A 83 7.96 -1.67 -13.01
CA ASP A 83 8.20 -1.02 -14.30
C ASP A 83 7.12 -1.53 -15.23
N TRP A 84 6.03 -0.78 -15.28
CA TRP A 84 4.85 -1.19 -16.04
C TRP A 84 5.05 -1.07 -17.54
N ARG A 85 5.75 -2.04 -18.13
N ARG A 85 5.71 -2.07 -18.12
CA ARG A 85 6.01 -2.02 -19.55
CA ARG A 85 6.03 -2.07 -19.54
C ARG A 85 4.71 -2.18 -20.32
C ARG A 85 4.79 -2.39 -20.40
N VAL A 86 3.77 -2.91 -19.73
CA VAL A 86 2.42 -3.00 -20.27
C VAL A 86 1.48 -2.32 -19.26
N ALA A 87 0.66 -1.38 -19.73
CA ALA A 87 -0.30 -0.72 -18.87
C ALA A 87 -1.50 -0.30 -19.66
N ASN A 88 -2.54 -1.10 -19.56
CA ASN A 88 -3.78 -0.77 -20.23
C ASN A 88 -4.97 -1.34 -19.49
N ALA A 89 -6.15 -1.05 -19.98
CA ALA A 89 -7.36 -1.41 -19.26
C ALA A 89 -7.51 -2.91 -19.04
N GLU A 90 -6.99 -3.75 -19.93
CA GLU A 90 -7.16 -5.18 -19.74
C GLU A 90 -5.97 -5.88 -19.07
N LEU A 91 -4.82 -5.21 -19.01
CA LEU A 91 -3.62 -5.84 -18.43
C LEU A 91 -2.60 -4.80 -18.02
N VAL A 92 -2.08 -4.95 -16.81
CA VAL A 92 -0.83 -4.36 -16.40
C VAL A 92 0.18 -5.50 -16.27
N ALA A 93 1.39 -5.28 -16.78
CA ALA A 93 2.44 -6.27 -16.61
C ALA A 93 3.78 -5.59 -16.44
N TYR A 94 4.57 -6.19 -15.55
CA TYR A 94 5.92 -5.71 -15.25
C TYR A 94 6.83 -6.87 -14.94
N PRO A 95 8.13 -6.72 -15.24
CA PRO A 95 9.06 -7.77 -14.83
C PRO A 95 9.03 -7.91 -13.32
N MET A 96 9.00 -9.14 -12.83
N MET A 96 9.02 -9.15 -12.85
CA MET A 96 8.93 -9.32 -11.39
CA MET A 96 8.99 -9.44 -11.42
C MET A 96 10.18 -8.75 -10.77
C MET A 96 10.21 -8.83 -10.72
N LEU A 97 9.99 -8.07 -9.65
CA LEU A 97 11.08 -7.65 -8.78
C LEU A 97 11.33 -8.85 -7.88
N GLU A 98 12.41 -9.57 -8.14
CA GLU A 98 12.54 -10.91 -7.56
C GLU A 98 12.85 -10.93 -6.07
N ASP A 99 13.27 -9.80 -5.52
CA ASP A 99 13.50 -9.74 -4.08
C ASP A 99 12.23 -10.05 -3.30
N SER A 100 12.39 -10.68 -2.14
CA SER A 100 11.25 -11.05 -1.32
C SER A 100 10.55 -9.83 -0.75
N THR A 101 9.25 -9.94 -0.53
CA THR A 101 8.57 -9.04 0.39
C THR A 101 9.11 -9.22 1.82
N ALA A 102 8.92 -8.22 2.66
CA ALA A 102 9.43 -8.24 4.04
C ALA A 102 8.50 -9.01 4.97
N MET A 103 7.59 -9.70 4.34
N MET A 103 7.48 -9.65 4.39
CA MET A 103 6.93 -10.74 4.99
CA MET A 103 6.49 -10.51 5.09
C MET A 103 6.63 -11.79 3.96
C MET A 103 6.07 -11.59 4.08
N VAL A 104 6.16 -12.89 4.47
CA VAL A 104 5.79 -14.00 3.62
C VAL A 104 4.50 -14.59 4.16
N ILE A 105 3.50 -14.75 3.30
CA ILE A 105 2.20 -15.31 3.73
C ILE A 105 1.63 -16.14 2.59
N GLN A 106 1.01 -17.26 2.95
CA GLN A 106 0.40 -18.12 1.95
C GLN A 106 -0.96 -17.51 1.61
N PRO A 107 -1.28 -17.43 0.31
CA PRO A 107 -2.56 -16.85 -0.08
C PRO A 107 -3.73 -17.48 0.67
N GLY A 108 -4.61 -16.64 1.21
CA GLY A 108 -5.79 -17.12 1.91
C GLY A 108 -5.59 -17.24 3.41
N SER A 109 -4.33 -17.29 3.84
CA SER A 109 -4.03 -17.52 5.24
C SER A 109 -4.21 -16.24 6.04
N SER A 110 -4.55 -16.39 7.31
N SER A 110 -4.56 -16.39 7.30
CA SER A 110 -4.66 -15.23 8.19
CA SER A 110 -4.68 -15.24 8.18
C SER A 110 -3.40 -15.03 9.03
C SER A 110 -3.38 -14.97 8.96
N THR A 111 -2.38 -15.84 8.79
CA THR A 111 -1.16 -15.76 9.55
C THR A 111 0.06 -15.85 8.64
N PRO A 112 0.94 -14.83 8.70
CA PRO A 112 2.16 -14.93 7.88
C PRO A 112 3.03 -16.12 8.27
N ASP A 113 3.84 -16.60 7.33
CA ASP A 113 4.89 -17.54 7.65
C ASP A 113 6.02 -16.84 8.37
N TRP A 114 6.27 -15.59 8.00
CA TRP A 114 7.47 -14.91 8.43
C TRP A 114 7.28 -13.41 8.24
N VAL A 115 7.85 -12.66 9.16
CA VAL A 115 7.98 -11.20 9.03
C VAL A 115 9.41 -10.84 9.38
N VAL A 116 9.99 -9.90 8.65
CA VAL A 116 11.34 -9.44 8.97
C VAL A 116 11.43 -9.12 10.48
N PRO A 117 12.49 -9.58 11.16
CA PRO A 117 12.48 -9.47 12.62
C PRO A 117 12.56 -8.07 13.16
N GLN A 118 11.94 -7.89 14.33
CA GLN A 118 12.03 -6.68 15.11
C GLN A 118 13.46 -6.20 15.28
N ASP A 119 14.39 -7.13 15.49
CA ASP A 119 15.76 -6.74 15.80
C ASP A 119 16.64 -6.63 14.55
N SER A 120 16.03 -6.64 13.36
CA SER A 120 16.81 -6.40 12.14
C SER A 120 17.10 -4.93 12.01
N GLU A 121 18.31 -4.53 12.38
CA GLU A 121 18.66 -3.13 12.33
C GLU A 121 18.77 -2.69 10.87
N VAL A 122 19.24 -3.58 10.00
CA VAL A 122 19.38 -3.22 8.59
C VAL A 122 18.01 -2.91 7.99
N PHE A 123 17.03 -3.74 8.29
CA PHE A 123 15.69 -3.43 7.81
C PHE A 123 15.15 -2.13 8.40
N ALA A 124 15.23 -1.99 9.70
CA ALA A 124 14.64 -0.82 10.34
C ALA A 124 15.23 0.46 9.76
N GLU A 125 16.55 0.47 9.67
N GLU A 125 16.54 0.46 9.64
CA GLU A 125 17.27 1.66 9.22
CA GLU A 125 17.27 1.64 9.24
C GLU A 125 16.96 1.98 7.76
C GLU A 125 17.01 1.98 7.76
N SER A 126 17.02 0.98 6.91
CA SER A 126 16.84 1.20 5.49
C SER A 126 15.36 1.50 5.17
N PHE A 127 14.43 1.00 5.96
CA PHE A 127 13.04 1.36 5.76
C PHE A 127 12.88 2.85 6.12
N ALA A 128 13.51 3.30 7.21
CA ALA A 128 13.41 4.69 7.60
C ALA A 128 13.99 5.63 6.54
N THR A 129 15.14 5.29 5.98
CA THR A 129 15.73 6.13 4.95
C THR A 129 14.97 6.06 3.63
N ALA A 130 14.43 4.88 3.32
CA ALA A 130 13.66 4.74 2.10
C ALA A 130 12.38 5.59 2.20
N LEU A 131 11.77 5.60 3.40
CA LEU A 131 10.55 6.38 3.60
C LEU A 131 10.86 7.88 3.52
N ALA A 132 11.97 8.31 4.10
CA ALA A 132 12.36 9.71 3.97
C ALA A 132 12.56 10.07 2.50
N ALA A 133 13.14 9.17 1.73
CA ALA A 133 13.36 9.43 0.31
C ALA A 133 12.02 9.57 -0.44
N LEU A 134 11.09 8.67 -0.21
CA LEU A 134 9.77 8.80 -0.81
C LEU A 134 9.12 10.13 -0.44
N HIS A 135 9.17 10.46 0.84
CA HIS A 135 8.48 11.67 1.30
C HIS A 135 9.19 12.94 0.86
N ALA A 136 10.38 12.81 0.29
CA ALA A 136 11.13 13.93 -0.27
C ALA A 136 10.81 14.19 -1.75
N VAL A 137 10.03 13.31 -2.38
CA VAL A 137 9.70 13.54 -3.79
C VAL A 137 8.96 14.88 -3.86
N PRO A 138 9.40 15.79 -4.76
CA PRO A 138 8.74 17.10 -4.78
C PRO A 138 7.26 17.05 -5.14
N ILE A 139 6.51 17.91 -4.47
N ILE A 139 6.47 17.87 -4.48
CA ILE A 139 5.10 18.10 -4.76
CA ILE A 139 5.05 17.94 -4.80
C ILE A 139 4.91 18.46 -6.25
C ILE A 139 4.85 18.42 -6.23
N SER A 140 5.78 19.31 -6.79
N SER A 140 5.73 19.27 -6.74
CA SER A 140 5.68 19.69 -8.20
CA SER A 140 5.66 19.68 -8.15
C SER A 140 5.71 18.48 -9.13
C SER A 140 5.63 18.44 -9.05
N ALA A 141 6.50 17.47 -8.76
CA ALA A 141 6.57 16.26 -9.59
C ALA A 141 5.25 15.49 -9.49
N ALA A 142 4.65 15.44 -8.31
CA ALA A 142 3.35 14.80 -8.17
C ALA A 142 2.28 15.53 -8.98
N VAL A 143 2.28 16.86 -8.94
CA VAL A 143 1.31 17.63 -9.70
C VAL A 143 1.49 17.41 -11.22
N ASP A 144 2.75 17.43 -11.65
CA ASP A 144 3.06 17.23 -13.08
C ASP A 144 2.59 15.85 -13.54
N ALA A 145 2.58 14.86 -12.63
CA ALA A 145 2.15 13.50 -12.93
C ALA A 145 0.67 13.27 -12.72
N GLY A 146 -0.07 14.32 -12.38
CA GLY A 146 -1.51 14.21 -12.27
C GLY A 146 -1.98 13.46 -11.05
N MET A 147 -1.15 13.44 -10.01
CA MET A 147 -1.52 12.74 -8.79
C MET A 147 -2.68 13.41 -8.07
N LEU A 148 -3.32 12.63 -7.20
CA LEU A 148 -4.30 13.16 -6.29
C LEU A 148 -3.55 13.96 -5.24
N ILE A 149 -3.93 15.22 -5.06
CA ILE A 149 -3.23 16.11 -4.15
C ILE A 149 -4.17 16.52 -3.03
N ARG A 150 -3.73 16.34 -1.79
CA ARG A 150 -4.45 16.87 -0.63
C ARG A 150 -3.55 17.82 0.16
N THR A 151 -3.99 19.06 0.27
CA THR A 151 -3.38 19.98 1.22
C THR A 151 -3.62 19.46 2.63
N PRO A 152 -2.97 20.05 3.64
CA PRO A 152 -3.27 19.63 5.02
C PRO A 152 -4.76 19.72 5.35
N THR A 153 -5.42 20.78 4.91
CA THR A 153 -6.86 20.92 5.18
C THR A 153 -7.67 19.82 4.46
N GLN A 154 -7.30 19.51 3.22
CA GLN A 154 -8.01 18.48 2.45
C GLN A 154 -7.74 17.09 3.06
N ALA A 155 -6.53 16.91 3.59
CA ALA A 155 -6.18 15.64 4.23
C ALA A 155 -7.06 15.39 5.44
N ARG A 156 -7.24 16.41 6.24
CA ARG A 156 -8.05 16.30 7.45
C ARG A 156 -9.53 16.15 7.08
N GLN A 157 -9.98 16.87 6.05
CA GLN A 157 -11.35 16.74 5.57
C GLN A 157 -11.63 15.31 5.07
N LYS A 158 -10.66 14.67 4.42
CA LYS A 158 -10.87 13.31 3.93
C LYS A 158 -11.09 12.36 5.09
N VAL A 159 -10.29 12.50 6.15
CA VAL A 159 -10.50 11.68 7.33
C VAL A 159 -11.87 11.93 7.94
N ALA A 160 -12.26 13.20 8.05
CA ALA A 160 -13.61 13.52 8.53
C ALA A 160 -14.69 12.88 7.67
N ASP A 161 -14.52 12.92 6.35
CA ASP A 161 -15.53 12.37 5.45
C ASP A 161 -15.63 10.85 5.60
N ASP A 162 -14.49 10.17 5.78
CA ASP A 162 -14.48 8.73 5.92
C ASP A 162 -15.16 8.34 7.24
N VAL A 163 -14.83 9.05 8.31
CA VAL A 163 -15.48 8.82 9.60
C VAL A 163 -16.97 9.00 9.46
N ASP A 164 -17.39 10.09 8.81
CA ASP A 164 -18.82 10.34 8.67
C ASP A 164 -19.52 9.28 7.82
N ARG A 165 -18.85 8.76 6.80
CA ARG A 165 -19.45 7.70 5.99
C ARG A 165 -19.64 6.45 6.83
N VAL A 166 -18.66 6.08 7.64
CA VAL A 166 -18.79 4.94 8.53
C VAL A 166 -19.95 5.18 9.52
N ARG A 167 -20.08 6.40 10.01
CA ARG A 167 -21.17 6.71 10.97
C ARG A 167 -22.56 6.53 10.35
N ARG A 168 -22.66 6.83 9.05
N ARG A 168 -22.69 6.82 9.06
CA ARG A 168 -23.92 6.72 8.29
CA ARG A 168 -23.99 6.66 8.43
C ARG A 168 -24.34 5.28 8.00
C ARG A 168 -24.35 5.20 8.24
N GLU A 169 -23.36 4.39 7.86
CA GLU A 169 -23.61 3.07 7.34
C GLU A 169 -23.54 1.99 8.39
N PHE A 170 -22.87 2.28 9.50
CA PHE A 170 -22.61 1.29 10.57
C PHE A 170 -23.00 1.88 11.92
N VAL A 171 -23.07 1.03 12.93
CA VAL A 171 -23.22 1.46 14.31
C VAL A 171 -21.90 1.22 15.04
N VAL A 172 -21.29 2.33 15.48
CA VAL A 172 -19.93 2.34 16.02
C VAL A 172 -19.94 2.52 17.53
N ASN A 173 -19.08 1.80 18.21
CA ASN A 173 -18.87 2.00 19.62
C ASN A 173 -18.68 3.49 19.95
N ASP A 174 -19.40 3.96 20.96
CA ASP A 174 -19.37 5.38 21.31
C ASP A 174 -17.96 5.88 21.63
N LYS A 175 -17.16 5.07 22.31
CA LYS A 175 -15.82 5.53 22.66
C LYS A 175 -14.92 5.66 21.42
N ARG A 176 -15.09 4.77 20.45
CA ARG A 176 -14.36 4.89 19.19
C ARG A 176 -14.72 6.16 18.48
N LEU A 177 -16.00 6.41 18.33
CA LEU A 177 -16.48 7.64 17.72
C LEU A 177 -15.89 8.86 18.40
N HIS A 178 -15.84 8.87 19.71
CA HIS A 178 -15.35 10.05 20.39
C HIS A 178 -13.85 10.17 20.21
N ARG A 179 -13.15 9.04 20.14
CA ARG A 179 -11.72 9.08 19.86
C ARG A 179 -11.46 9.76 18.52
N TRP A 180 -12.19 9.34 17.48
CA TRP A 180 -11.94 9.88 16.16
C TRP A 180 -12.29 11.36 16.14
N GLN A 181 -13.39 11.73 16.78
CA GLN A 181 -13.80 13.13 16.79
C GLN A 181 -12.78 13.99 17.54
N ARG A 182 -12.34 13.52 18.71
CA ARG A 182 -11.33 14.24 19.46
C ARG A 182 -10.07 14.43 18.61
N TRP A 183 -9.65 13.38 17.90
CA TRP A 183 -8.48 13.47 17.02
C TRP A 183 -8.68 14.54 15.96
N LEU A 184 -9.82 14.48 15.27
CA LEU A 184 -10.12 15.45 14.23
C LEU A 184 -10.10 16.89 14.76
N ASP A 185 -10.42 17.06 16.04
CA ASP A 185 -10.48 18.40 16.64
C ASP A 185 -9.18 18.81 17.31
N ASP A 186 -8.18 17.95 17.30
CA ASP A 186 -6.94 18.16 18.05
C ASP A 186 -5.91 18.78 17.12
N ASP A 187 -5.94 20.12 17.00
CA ASP A 187 -5.12 20.82 16.02
C ASP A 187 -3.66 20.39 16.09
N SER A 188 -3.11 20.22 17.29
CA SER A 188 -1.67 19.96 17.42
C SER A 188 -1.24 18.61 16.86
N SER A 189 -2.18 17.71 16.64
CA SER A 189 -1.83 16.39 16.13
C SER A 189 -1.50 16.44 14.64
N TRP A 190 -2.13 17.35 13.92
CA TRP A 190 -2.15 17.34 12.44
C TRP A 190 -0.97 18.06 11.86
N PRO A 191 -0.42 17.52 10.78
CA PRO A 191 0.70 18.18 10.13
C PRO A 191 0.27 19.43 9.36
N ASP A 192 1.15 20.40 9.19
N ASP A 192 1.23 20.35 9.24
CA ASP A 192 0.80 21.56 8.36
CA ASP A 192 1.07 21.58 8.49
C ASP A 192 1.39 21.49 6.96
C ASP A 192 1.66 21.49 7.08
N PHE A 193 1.76 20.28 6.56
CA PHE A 193 2.24 20.01 5.22
C PHE A 193 1.79 18.62 4.81
N SER A 194 1.85 18.35 3.52
CA SER A 194 1.60 17.02 2.94
C SER A 194 2.82 16.59 2.17
N VAL A 195 2.91 15.29 1.88
CA VAL A 195 4.01 14.70 1.11
C VAL A 195 3.48 13.65 0.18
N VAL A 196 4.32 13.22 -0.77
CA VAL A 196 4.01 12.02 -1.55
C VAL A 196 4.02 10.81 -0.64
N VAL A 197 2.88 10.15 -0.53
CA VAL A 197 2.79 8.92 0.25
C VAL A 197 2.48 7.72 -0.64
N HIS A 198 2.93 6.56 -0.19
CA HIS A 198 2.62 5.31 -0.82
C HIS A 198 1.14 4.98 -0.62
N GLY A 199 0.62 5.21 0.58
CA GLY A 199 -0.81 5.06 0.85
C GLY A 199 -1.31 3.71 1.32
N ASP A 200 -0.53 2.67 1.13
CA ASP A 200 -0.90 1.30 1.56
C ASP A 200 0.37 0.59 1.99
N LEU A 201 1.16 1.23 2.84
CA LEU A 201 2.54 0.80 3.07
C LEU A 201 2.66 -0.03 4.34
N TYR A 202 3.15 -1.27 4.19
CA TYR A 202 3.43 -2.16 5.32
C TYR A 202 4.42 -3.18 4.82
N VAL A 203 4.87 -4.05 5.70
CA VAL A 203 5.92 -5.01 5.34
C VAL A 203 5.59 -5.84 4.10
N GLY A 204 4.31 -6.17 3.86
CA GLY A 204 3.95 -6.93 2.67
C GLY A 204 4.08 -6.24 1.34
N HIS A 205 4.31 -4.92 1.35
CA HIS A 205 4.50 -4.15 0.12
C HIS A 205 5.89 -3.56 0.04
N VAL A 206 6.78 -4.00 0.91
CA VAL A 206 8.18 -3.59 0.89
C VAL A 206 9.03 -4.80 0.48
N LEU A 207 9.92 -4.60 -0.49
CA LEU A 207 10.86 -5.63 -0.90
C LEU A 207 12.22 -5.44 -0.24
N ILE A 208 12.88 -6.56 0.06
CA ILE A 208 14.17 -6.53 0.74
C ILE A 208 15.13 -7.46 0.03
N ASP A 209 16.42 -7.11 0.06
CA ASP A 209 17.42 -8.02 -0.45
C ASP A 209 17.74 -9.07 0.63
N ASN A 210 18.68 -9.96 0.31
CA ASN A 210 19.04 -11.08 1.19
C ASN A 210 19.50 -10.65 2.58
N THR A 211 20.07 -9.43 2.65
CA THR A 211 20.55 -8.88 3.92
C THR A 211 19.46 -8.17 4.72
N GLU A 212 18.27 -8.09 4.13
CA GLU A 212 17.09 -7.47 4.74
C GLU A 212 17.09 -5.95 4.55
N ARG A 213 17.90 -5.49 3.62
CA ARG A 213 17.91 -4.08 3.25
C ARG A 213 16.77 -3.79 2.27
N VAL A 214 16.03 -2.71 2.54
CA VAL A 214 14.93 -2.35 1.64
C VAL A 214 15.48 -2.11 0.24
N SER A 215 14.88 -2.76 -0.75
CA SER A 215 15.31 -2.67 -2.11
C SER A 215 14.22 -2.26 -3.08
N GLY A 216 12.97 -2.18 -2.61
CA GLY A 216 11.85 -1.87 -3.50
C GLY A 216 10.57 -1.70 -2.72
N MET A 217 9.56 -1.16 -3.38
CA MET A 217 8.18 -1.13 -2.85
C MET A 217 7.23 -1.41 -3.98
N ILE A 218 6.12 -2.07 -3.66
CA ILE A 218 5.14 -2.48 -4.66
C ILE A 218 3.75 -2.03 -4.25
N ASP A 219 2.79 -2.23 -5.15
CA ASP A 219 1.35 -2.02 -4.87
C ASP A 219 1.05 -0.56 -4.51
N TRP A 220 1.23 0.32 -5.52
CA TRP A 220 1.17 1.77 -5.38
C TRP A 220 -0.21 2.41 -5.66
N SER A 221 -1.26 1.60 -5.68
N SER A 221 -1.26 1.60 -5.68
CA SER A 221 -2.58 2.07 -6.09
CA SER A 221 -2.59 2.08 -6.09
C SER A 221 -3.15 3.19 -5.23
C SER A 221 -3.11 3.24 -5.25
N GLU A 222 -2.72 3.29 -3.99
CA GLU A 222 -3.22 4.29 -3.06
C GLU A 222 -2.33 5.54 -2.95
N ALA A 223 -1.33 5.63 -3.81
CA ALA A 223 -0.36 6.72 -3.75
C ALA A 223 -1.02 8.05 -4.07
N ARG A 224 -0.57 9.10 -3.39
CA ARG A 224 -1.19 10.44 -3.46
C ARG A 224 -0.33 11.39 -2.66
N VAL A 225 -0.65 12.69 -2.69
CA VAL A 225 -0.02 13.63 -1.79
C VAL A 225 -0.95 13.84 -0.62
N ASP A 226 -0.48 13.56 0.59
CA ASP A 226 -1.38 13.53 1.75
C ASP A 226 -0.53 13.53 3.03
N ASP A 227 -1.17 13.21 4.15
CA ASP A 227 -0.54 13.19 5.47
C ASP A 227 0.58 12.15 5.57
N PRO A 228 1.81 12.58 5.90
CA PRO A 228 2.91 11.59 5.96
C PRO A 228 2.67 10.41 6.89
N ALA A 229 1.90 10.62 7.96
CA ALA A 229 1.71 9.58 8.94
C ALA A 229 0.96 8.37 8.37
N ILE A 230 0.28 8.56 7.24
CA ILE A 230 -0.38 7.46 6.57
C ILE A 230 0.60 6.30 6.37
N ASP A 231 1.84 6.60 6.05
CA ASP A 231 2.84 5.60 5.71
C ASP A 231 3.60 5.05 6.93
N MET A 232 3.24 5.49 8.12
N MET A 232 3.29 5.51 8.14
CA MET A 232 3.91 5.08 9.34
CA MET A 232 3.95 4.98 9.34
C MET A 232 3.04 4.24 10.30
C MET A 232 3.05 4.08 10.20
N ALA A 233 1.72 4.23 10.06
CA ALA A 233 0.79 3.51 10.91
C ALA A 233 1.10 2.02 10.98
N ALA A 234 1.36 1.40 9.83
CA ALA A 234 1.60 -0.03 9.82
C ALA A 234 2.91 -0.40 10.46
N HIS A 235 3.87 0.51 10.48
CA HIS A 235 5.13 0.26 11.15
C HIS A 235 4.92 0.18 12.67
N LEU A 236 4.12 1.09 13.19
CA LEU A 236 3.70 1.00 14.60
C LEU A 236 2.96 -0.29 14.87
N MET A 237 2.05 -0.69 13.99
N MET A 237 2.09 -0.69 13.94
CA MET A 237 1.32 -1.91 14.29
CA MET A 237 1.27 -1.88 14.14
C MET A 237 2.27 -3.09 14.40
C MET A 237 2.10 -3.16 14.21
N VAL A 238 3.15 -3.22 13.41
CA VAL A 238 3.98 -4.42 13.29
C VAL A 238 5.17 -4.43 14.26
N PHE A 239 5.78 -3.28 14.48
CA PHE A 239 7.01 -3.18 15.27
C PHE A 239 6.85 -2.45 16.61
N GLY A 240 5.65 -1.99 16.92
CA GLY A 240 5.35 -1.44 18.23
C GLY A 240 5.90 -0.05 18.44
N GLU A 241 5.70 0.48 19.63
CA GLU A 241 6.21 1.81 19.95
C GLU A 241 7.72 1.90 19.90
N GLU A 242 8.42 0.84 20.27
CA GLU A 242 9.88 0.89 20.20
C GLU A 242 10.33 1.00 18.75
N GLY A 243 9.69 0.23 17.87
CA GLY A 243 9.98 0.29 16.45
C GLY A 243 9.68 1.67 15.88
N LEU A 244 8.56 2.23 16.28
CA LEU A 244 8.21 3.57 15.82
C LEU A 244 9.22 4.60 16.26
N ALA A 245 9.66 4.53 17.52
CA ALA A 245 10.63 5.49 18.02
C ALA A 245 11.91 5.46 17.22
N LYS A 246 12.37 4.27 16.88
CA LYS A 246 13.59 4.14 16.09
C LYS A 246 13.37 4.70 14.67
N LEU A 247 12.21 4.40 14.10
CA LEU A 247 11.87 4.91 12.77
C LEU A 247 11.93 6.43 12.76
N LEU A 248 11.29 7.06 13.74
CA LEU A 248 11.20 8.52 13.71
C LEU A 248 12.56 9.18 13.86
N LEU A 249 13.43 8.62 14.69
N LEU A 249 13.42 8.62 14.70
CA LEU A 249 14.76 9.19 14.85
CA LEU A 249 14.77 9.18 14.87
C LEU A 249 15.55 9.14 13.55
C LEU A 249 15.55 9.13 13.55
N THR A 250 15.58 7.97 12.92
CA THR A 250 16.33 7.82 11.66
C THR A 250 15.69 8.57 10.49
N TYR A 251 14.35 8.53 10.41
CA TYR A 251 13.63 9.29 9.39
C TYR A 251 13.99 10.75 9.45
N GLU A 252 13.96 11.34 10.64
CA GLU A 252 14.35 12.74 10.80
C GLU A 252 15.81 12.98 10.42
N ALA A 253 16.69 12.09 10.86
CA ALA A 253 18.12 12.25 10.56
C ALA A 253 18.39 12.17 9.05
N ALA A 254 17.57 11.40 8.35
CA ALA A 254 17.68 11.27 6.89
C ALA A 254 17.07 12.43 6.12
N GLY A 255 16.51 13.40 6.83
CA GLY A 255 15.91 14.56 6.17
C GLY A 255 14.40 14.59 6.20
N GLY A 256 13.78 13.56 6.76
CA GLY A 256 12.34 13.55 6.86
C GLY A 256 11.83 14.65 7.76
N ARG A 257 10.77 15.31 7.32
CA ARG A 257 10.18 16.38 8.09
C ARG A 257 9.25 15.84 9.15
N VAL A 258 9.45 16.26 10.37
CA VAL A 258 8.65 15.79 11.48
C VAL A 258 7.95 16.97 12.14
N TRP A 259 7.10 16.67 13.11
CA TRP A 259 6.45 17.69 13.93
C TRP A 259 6.31 17.10 15.32
N PRO A 260 6.11 17.96 16.32
CA PRO A 260 6.29 17.44 17.69
C PRO A 260 5.34 16.28 18.09
N ARG A 261 4.10 16.30 17.61
CA ARG A 261 3.14 15.27 17.99
C ARG A 261 2.99 14.18 16.93
N LEU A 262 3.99 14.03 16.08
CA LEU A 262 3.95 13.01 15.04
C LEU A 262 3.68 11.60 15.58
N ALA A 263 4.36 11.18 16.64
CA ALA A 263 4.17 9.84 17.14
C ALA A 263 2.73 9.62 17.60
N HIS A 264 2.18 10.61 18.30
CA HIS A 264 0.79 10.57 18.70
C HIS A 264 -0.12 10.46 17.49
N HIS A 265 0.14 11.28 16.49
CA HIS A 265 -0.71 11.31 15.30
C HIS A 265 -0.69 9.97 14.59
N ILE A 266 0.47 9.33 14.55
CA ILE A 266 0.59 8.01 13.92
C ILE A 266 -0.28 6.99 14.64
N ALA A 267 -0.30 7.01 15.96
CA ALA A 267 -1.18 6.10 16.68
C ALA A 267 -2.66 6.36 16.38
N GLU A 268 -3.02 7.64 16.25
CA GLU A 268 -4.40 7.97 15.91
C GLU A 268 -4.71 7.50 14.48
N ARG A 269 -3.75 7.64 13.57
CA ARG A 269 -3.94 7.13 12.21
C ARG A 269 -4.12 5.62 12.22
N LEU A 270 -3.37 4.92 13.06
CA LEU A 270 -3.51 3.49 13.14
C LEU A 270 -4.93 3.11 13.63
N ALA A 271 -5.45 3.82 14.64
CA ALA A 271 -6.81 3.58 15.12
C ALA A 271 -7.81 3.80 13.98
N PHE A 272 -7.55 4.81 13.16
CA PHE A 272 -8.36 5.13 12.00
C PHE A 272 -8.36 4.00 10.97
N GLY A 273 -7.41 3.08 11.05
CA GLY A 273 -7.48 1.89 10.21
C GLY A 273 -8.79 1.13 10.28
N ALA A 274 -9.50 1.20 11.41
CA ALA A 274 -10.80 0.55 11.49
C ALA A 274 -11.77 1.17 10.51
N VAL A 275 -11.65 2.48 10.30
CA VAL A 275 -12.52 3.18 9.35
C VAL A 275 -12.15 2.73 7.95
N THR A 276 -10.87 2.71 7.64
CA THR A 276 -10.43 2.27 6.31
C THR A 276 -10.94 0.87 6.02
N TYR A 277 -10.80 -0.02 7.00
CA TYR A 277 -11.23 -1.39 6.80
C TYR A 277 -12.74 -1.47 6.57
N ALA A 278 -13.51 -0.73 7.38
CA ALA A 278 -14.96 -0.79 7.26
C ALA A 278 -15.43 -0.29 5.91
N LEU A 279 -14.83 0.77 5.39
CA LEU A 279 -15.20 1.28 4.07
C LEU A 279 -14.80 0.33 2.96
N PHE A 280 -13.64 -0.31 3.09
CA PHE A 280 -13.24 -1.34 2.15
C PHE A 280 -14.27 -2.46 2.15
N ALA A 281 -14.67 -2.90 3.35
CA ALA A 281 -15.68 -3.94 3.48
C ALA A 281 -16.99 -3.52 2.82
N LEU A 282 -17.44 -2.31 3.10
CA LEU A 282 -18.70 -1.83 2.57
C LEU A 282 -18.64 -1.77 1.05
N ASP A 283 -17.56 -1.22 0.51
CA ASP A 283 -17.43 -1.06 -0.94
C ASP A 283 -17.24 -2.41 -1.63
N SER A 284 -16.77 -3.41 -0.88
CA SER A 284 -16.49 -4.73 -1.46
C SER A 284 -17.77 -5.53 -1.63
N GLY A 285 -18.75 -5.26 -0.76
CA GLY A 285 -19.96 -6.07 -0.71
C GLY A 285 -19.77 -7.47 -0.14
N ASN A 286 -18.53 -7.80 0.24
CA ASN A 286 -18.22 -9.11 0.80
C ASN A 286 -18.74 -9.27 2.21
N GLU A 287 -19.60 -10.27 2.40
CA GLU A 287 -20.25 -10.46 3.68
C GLU A 287 -19.26 -10.83 4.79
N GLU A 288 -18.18 -11.54 4.46
CA GLU A 288 -17.21 -11.91 5.50
C GLU A 288 -16.45 -10.68 5.98
N TYR A 289 -16.01 -9.84 5.03
CA TYR A 289 -15.32 -8.61 5.41
C TYR A 289 -16.27 -7.69 6.16
N LEU A 290 -17.53 -7.63 5.72
CA LEU A 290 -18.53 -6.80 6.42
C LEU A 290 -18.75 -7.31 7.83
N ALA A 291 -18.82 -8.64 8.00
CA ALA A 291 -18.99 -9.17 9.34
C ALA A 291 -17.85 -8.78 10.25
N ALA A 292 -16.63 -8.85 9.74
CA ALA A 292 -15.47 -8.48 10.53
C ALA A 292 -15.46 -6.98 10.87
N ALA A 293 -15.83 -6.15 9.89
CA ALA A 293 -15.83 -4.71 10.08
C ALA A 293 -16.84 -4.33 11.16
N LYS A 294 -18.05 -4.87 11.05
CA LYS A 294 -19.10 -4.51 11.99
C LYS A 294 -18.71 -4.91 13.40
N ALA A 295 -18.10 -6.09 13.52
CA ALA A 295 -17.68 -6.57 14.81
C ALA A 295 -16.61 -5.67 15.40
N GLN A 296 -15.66 -5.26 14.58
CA GLN A 296 -14.61 -4.38 15.07
C GLN A 296 -15.19 -3.02 15.48
N LEU A 297 -16.04 -2.46 14.64
CA LEU A 297 -16.56 -1.13 14.89
C LEU A 297 -17.39 -1.06 16.18
N ALA A 298 -18.18 -2.10 16.44
CA ALA A 298 -19.02 -2.13 17.62
C ALA A 298 -18.24 -2.40 18.89
N ALA A 299 -17.10 -3.07 18.76
CA ALA A 299 -16.26 -3.40 19.89
C ALA A 299 -15.55 -2.18 20.45
N ALA A 300 -15.43 -2.17 21.77
CA ALA A 300 -14.59 -1.19 22.41
C ALA A 300 -13.14 -1.49 22.00
N GLU A 301 -12.37 -0.44 21.82
CA GLU A 301 -10.99 -0.55 21.39
C GLU A 301 -10.19 -0.87 22.64
#